data_7RPR
#
_entry.id   7RPR
#
_cell.length_a   58.428
_cell.length_b   40.320
_cell.length_c   74.086
_cell.angle_alpha   90.000
_cell.angle_beta   105.407
_cell.angle_gamma   90.000
#
_symmetry.space_group_name_H-M   'P 1 21 1'
#
loop_
_entity.id
_entity.type
_entity.pdbx_description
1 polymer 'Fibronectin-binding lipoprotein FbpA'
2 water water
#
_entity_poly.entity_id   1
_entity_poly.type   'polypeptide(L)'
_entity_poly.pdbx_seq_one_letter_code
;GSTGSDNRYKSYLEGVRYNVSAAIGSIDKIYNNYKLFEEQRTKMYSTRLDTVTKDQAKKEAEKFTKEELEKDLKELLNYI
QVSAKTATNFVYQKEQYAKQRLDKLETEVKTLISEVQGQSHPYEAYKAIVRSKFLQMKDSLEVVKGVIDRDGPWY
;
_entity_poly.pdbx_strand_id   A,B
#
# COMPACT_ATOMS: atom_id res chain seq x y z
N ASP A 6 -29.91 -1.18 -0.24
CA ASP A 6 -30.43 -2.57 -0.31
C ASP A 6 -29.31 -3.58 -0.61
N ASN A 7 -29.70 -4.84 -0.81
CA ASN A 7 -28.72 -5.87 -1.13
C ASN A 7 -28.19 -5.68 -2.55
N ARG A 8 -28.98 -5.06 -3.42
CA ARG A 8 -28.46 -4.79 -4.76
C ARG A 8 -27.39 -3.71 -4.70
N TYR A 9 -27.59 -2.69 -3.86
CA TYR A 9 -26.57 -1.64 -3.76
C TYR A 9 -25.27 -2.18 -3.18
N LYS A 10 -25.35 -3.00 -2.14
CA LYS A 10 -24.14 -3.66 -1.61
C LYS A 10 -23.38 -4.41 -2.70
N SER A 11 -24.09 -5.09 -3.61
CA SER A 11 -23.42 -5.78 -4.72
C SER A 11 -22.67 -4.80 -5.62
N TYR A 12 -23.25 -3.62 -5.88
CA TYR A 12 -22.57 -2.60 -6.67
C TYR A 12 -21.31 -2.12 -5.98
N LEU A 13 -21.41 -1.85 -4.68
CA LEU A 13 -20.24 -1.45 -3.93
C LEU A 13 -19.20 -2.54 -3.93
N GLU A 14 -19.60 -3.79 -3.69
CA GLU A 14 -18.61 -4.86 -3.65
C GLU A 14 -17.86 -4.99 -4.99
N GLY A 15 -18.58 -4.83 -6.10
CA GLY A 15 -17.93 -5.00 -7.40
C GLY A 15 -16.98 -3.85 -7.69
N VAL A 16 -17.38 -2.62 -7.39
CA VAL A 16 -16.48 -1.50 -7.64
C VAL A 16 -15.25 -1.59 -6.76
N ARG A 17 -15.44 -1.93 -5.49
CA ARG A 17 -14.31 -2.06 -4.55
C ARG A 17 -13.29 -3.03 -5.14
N TYR A 18 -13.78 -4.18 -5.56
CA TYR A 18 -12.99 -5.26 -6.15
C TYR A 18 -12.17 -4.74 -7.34
N ASN A 19 -12.84 -4.04 -8.25
CA ASN A 19 -12.19 -3.60 -9.49
C ASN A 19 -11.21 -2.44 -9.25
N VAL A 20 -11.54 -1.55 -8.33
CA VAL A 20 -10.64 -0.44 -8.02
C VAL A 20 -9.38 -0.97 -7.33
N SER A 21 -9.53 -1.89 -6.37
CA SER A 21 -8.35 -2.57 -5.83
C SER A 21 -7.50 -3.21 -6.92
N ALA A 22 -8.17 -3.89 -7.84
CA ALA A 22 -7.47 -4.52 -8.95
C ALA A 22 -6.74 -3.49 -9.79
N ALA A 23 -7.40 -2.36 -10.06
CA ALA A 23 -6.75 -1.33 -10.85
C ALA A 23 -5.51 -0.80 -10.17
N ILE A 24 -5.57 -0.61 -8.85
CA ILE A 24 -4.42 -0.10 -8.13
C ILE A 24 -3.29 -1.09 -8.21
N GLY A 25 -3.59 -2.39 -8.14
CA GLY A 25 -2.58 -3.40 -8.41
C GLY A 25 -1.91 -3.23 -9.76
N SER A 26 -2.69 -2.90 -10.78
CA SER A 26 -2.15 -2.70 -12.13
C SER A 26 -1.21 -1.51 -12.16
N ILE A 27 -1.63 -0.41 -11.53
CA ILE A 27 -0.83 0.84 -11.44
C ILE A 27 0.49 0.54 -10.72
N ASP A 28 0.44 -0.24 -9.63
CA ASP A 28 1.62 -0.58 -8.85
C ASP A 28 2.56 -1.47 -9.66
N LYS A 29 1.97 -2.42 -10.40
CA LYS A 29 2.71 -3.37 -11.23
C LYS A 29 3.48 -2.63 -12.33
N ILE A 30 2.80 -1.75 -13.04
CA ILE A 30 3.43 -1.07 -14.17
C ILE A 30 4.55 -0.16 -13.67
N TYR A 31 4.29 0.60 -12.61
CA TYR A 31 5.29 1.58 -12.12
C TYR A 31 6.55 0.87 -11.65
N ASN A 32 6.34 -0.17 -10.88
CA ASN A 32 7.44 -0.97 -10.33
C ASN A 32 8.21 -1.64 -11.47
N ASN A 33 7.50 -2.15 -12.48
CA ASN A 33 8.12 -2.78 -13.67
C ASN A 33 9.01 -1.73 -14.35
N TYR A 34 8.54 -0.49 -14.43
CA TYR A 34 9.31 0.61 -15.06
C TYR A 34 10.58 0.87 -14.24
N LYS A 35 10.42 1.00 -12.91
CA LYS A 35 11.56 1.24 -11.99
C LYS A 35 12.64 0.17 -12.21
N LEU A 36 12.26 -1.11 -12.13
CA LEU A 36 13.20 -2.25 -12.32
C LEU A 36 13.82 -2.22 -13.71
N PHE A 37 13.02 -1.91 -14.71
CA PHE A 37 13.46 -1.82 -16.11
C PHE A 37 14.53 -0.74 -16.17
N GLU A 38 14.26 0.41 -15.59
CA GLU A 38 15.22 1.51 -15.62
C GLU A 38 16.50 1.16 -14.87
N GLU A 39 16.38 0.47 -13.73
CA GLU A 39 17.57 0.08 -12.97
C GLU A 39 18.43 -0.88 -13.76
N GLN A 40 17.79 -1.89 -14.38
CA GLN A 40 18.53 -2.91 -15.13
C GLN A 40 19.10 -2.35 -16.41
N ARG A 41 18.39 -1.42 -17.05
CA ARG A 41 18.92 -0.78 -18.24
C ARG A 41 20.16 0.04 -17.92
N THR A 42 20.13 0.80 -16.82
CA THR A 42 21.29 1.58 -16.43
C THR A 42 22.50 0.68 -16.22
N LYS A 43 22.31 -0.41 -15.47
CA LYS A 43 23.41 -1.36 -15.27
C LYS A 43 23.91 -1.88 -16.61
N MET A 44 23.01 -2.32 -17.45
CA MET A 44 23.41 -2.96 -18.71
C MET A 44 24.24 -2.00 -19.58
N TYR A 45 24.16 -0.69 -19.41
CA TYR A 45 24.96 0.26 -20.18
C TYR A 45 26.00 0.97 -19.33
N SER A 46 26.21 0.51 -18.10
CA SER A 46 27.16 1.20 -17.22
C SER A 46 28.57 1.03 -17.73
N THR A 47 29.35 2.11 -17.64
CA THR A 47 30.77 2.06 -17.95
C THR A 47 31.58 1.46 -16.81
N ARG A 48 31.04 1.43 -15.59
CA ARG A 48 31.78 0.98 -14.38
C ARG A 48 31.42 -0.46 -14.01
N LEU A 49 30.74 -1.21 -14.88
CA LEU A 49 30.40 -2.59 -14.55
C LEU A 49 30.89 -3.57 -15.62
N ASP A 50 31.28 -4.76 -15.11
CA ASP A 50 31.91 -5.86 -15.88
C ASP A 50 30.84 -6.57 -16.69
N THR A 51 31.30 -7.40 -17.62
CA THR A 51 30.43 -8.11 -18.56
C THR A 51 29.46 -9.06 -17.88
N VAL A 52 29.91 -9.77 -16.83
CA VAL A 52 29.00 -10.67 -16.12
C VAL A 52 27.80 -9.88 -15.60
N THR A 53 28.05 -8.79 -14.90
CA THR A 53 26.98 -7.97 -14.35
C THR A 53 26.14 -7.36 -15.46
N LYS A 54 26.80 -6.80 -16.48
CA LYS A 54 26.08 -6.20 -17.59
C LYS A 54 25.17 -7.22 -18.26
N ASP A 55 25.70 -8.44 -18.44
CA ASP A 55 24.98 -9.55 -19.10
C ASP A 55 23.70 -9.87 -18.31
N GLN A 56 23.82 -10.06 -16.99
CA GLN A 56 22.65 -10.37 -16.18
C GLN A 56 21.63 -9.25 -16.28
N ALA A 57 22.09 -7.99 -16.16
CA ALA A 57 21.19 -6.87 -16.34
C ALA A 57 20.49 -6.91 -17.70
N LYS A 58 21.24 -7.17 -18.77
CA LYS A 58 20.64 -7.22 -20.09
C LYS A 58 19.53 -8.25 -20.15
N LYS A 59 19.76 -9.41 -19.53
CA LYS A 59 18.75 -10.48 -19.53
C LYS A 59 17.51 -10.04 -18.77
N GLU A 60 17.70 -9.40 -17.61
CA GLU A 60 16.56 -8.94 -16.84
C GLU A 60 15.84 -7.78 -17.54
N ALA A 61 16.59 -6.91 -18.22
CA ALA A 61 15.97 -5.82 -18.96
C ALA A 61 15.17 -6.31 -20.16
N GLU A 62 15.62 -7.39 -20.78
CA GLU A 62 14.96 -7.87 -21.99
C GLU A 62 13.62 -8.51 -21.70
N LYS A 63 13.26 -8.68 -20.43
CA LYS A 63 11.98 -9.27 -20.10
C LYS A 63 10.84 -8.26 -20.11
N PHE A 64 11.16 -6.96 -20.10
CA PHE A 64 10.13 -5.94 -20.03
C PHE A 64 9.70 -5.56 -21.44
N THR A 65 8.70 -6.28 -21.95
CA THR A 65 8.23 -6.11 -23.32
C THR A 65 7.17 -5.01 -23.44
N LYS A 66 7.07 -4.45 -24.65
CA LYS A 66 5.99 -3.50 -24.91
C LYS A 66 4.62 -4.17 -24.81
N GLU A 67 4.55 -5.45 -25.16
CA GLU A 67 3.28 -6.18 -25.14
C GLU A 67 2.76 -6.37 -23.73
N GLU A 68 3.64 -6.68 -22.78
CA GLU A 68 3.21 -6.80 -21.39
C GLU A 68 2.67 -5.46 -20.88
N LEU A 69 3.35 -4.36 -21.22
CA LEU A 69 2.87 -3.05 -20.77
C LEU A 69 1.50 -2.73 -21.36
N GLU A 70 1.32 -3.00 -22.66
CA GLU A 70 0.05 -2.67 -23.29
C GLU A 70 -1.08 -3.54 -22.74
N LYS A 71 -0.80 -4.79 -22.47
CA LYS A 71 -1.80 -5.66 -21.87
C LYS A 71 -2.11 -5.20 -20.45
N ASP A 72 -1.09 -4.74 -19.72
CA ASP A 72 -1.32 -4.22 -18.36
C ASP A 72 -2.19 -2.99 -18.38
N LEU A 73 -1.98 -2.10 -19.36
CA LEU A 73 -2.82 -0.91 -19.43
C LEU A 73 -4.23 -1.27 -19.86
N LYS A 74 -4.36 -2.26 -20.73
CA LYS A 74 -5.69 -2.72 -21.12
C LYS A 74 -6.45 -3.33 -19.95
N GLU A 75 -5.77 -4.13 -19.14
CA GLU A 75 -6.41 -4.64 -17.94
C GLU A 75 -6.85 -3.50 -17.02
N LEU A 76 -5.98 -2.52 -16.81
CA LEU A 76 -6.32 -1.37 -15.99
C LEU A 76 -7.56 -0.68 -16.51
N LEU A 77 -7.59 -0.43 -17.84
CA LEU A 77 -8.74 0.24 -18.41
C LEU A 77 -10.01 -0.57 -18.19
N ASN A 78 -9.91 -1.88 -18.31
CA ASN A 78 -11.10 -2.71 -18.24
C ASN A 78 -11.69 -2.68 -16.84
N TYR A 79 -10.85 -2.77 -15.81
CA TYR A 79 -11.34 -2.66 -14.43
C TYR A 79 -12.00 -1.30 -14.16
N ILE A 80 -11.39 -0.22 -14.67
CA ILE A 80 -11.90 1.12 -14.42
C ILE A 80 -13.18 1.35 -15.22
N GLN A 81 -13.24 0.89 -16.49
CA GLN A 81 -14.42 1.22 -17.27
C GLN A 81 -15.64 0.45 -16.79
N VAL A 82 -15.46 -0.80 -16.30
CA VAL A 82 -16.60 -1.51 -15.73
C VAL A 82 -17.07 -0.82 -14.44
N SER A 83 -16.12 -0.34 -13.65
CA SER A 83 -16.44 0.33 -12.40
C SER A 83 -17.21 1.63 -12.66
N ALA A 84 -16.77 2.39 -13.66
CA ALA A 84 -17.42 3.67 -14.00
C ALA A 84 -18.88 3.46 -14.37
N LYS A 85 -19.18 2.39 -15.07
CA LYS A 85 -20.55 2.09 -15.46
C LYS A 85 -21.39 1.73 -14.25
N THR A 86 -20.88 0.86 -13.38
CA THR A 86 -21.58 0.53 -12.14
C THR A 86 -21.75 1.75 -11.25
N ALA A 87 -20.78 2.64 -11.26
CA ALA A 87 -20.78 3.81 -10.39
C ALA A 87 -21.86 4.83 -10.76
N THR A 88 -22.50 4.70 -11.93
CA THR A 88 -23.68 5.52 -12.19
C THR A 88 -24.69 5.37 -11.08
N ASN A 89 -24.72 4.20 -10.42
CA ASN A 89 -25.61 3.97 -9.28
C ASN A 89 -25.23 4.80 -8.04
N PHE A 90 -24.00 5.32 -7.99
CA PHE A 90 -23.57 6.08 -6.83
C PHE A 90 -23.98 7.55 -6.92
N VAL A 91 -24.48 7.98 -8.08
CA VAL A 91 -25.01 9.32 -8.25
C VAL A 91 -26.13 9.54 -7.22
N TYR A 92 -26.10 10.71 -6.60
CA TYR A 92 -27.04 11.09 -5.57
C TYR A 92 -26.91 10.24 -4.33
N GLN A 93 -25.80 9.53 -4.15
CA GLN A 93 -25.57 8.75 -2.93
C GLN A 93 -24.27 9.22 -2.30
N LYS A 94 -23.91 8.65 -1.14
CA LYS A 94 -22.71 9.12 -0.45
C LYS A 94 -21.45 8.86 -1.26
N GLU A 95 -21.44 7.82 -2.10
CA GLU A 95 -20.27 7.48 -2.90
C GLU A 95 -20.21 8.24 -4.21
N GLN A 96 -21.09 9.23 -4.42
CA GLN A 96 -21.20 9.87 -5.73
C GLN A 96 -19.86 10.38 -6.26
N TYR A 97 -19.02 10.96 -5.41
CA TYR A 97 -17.76 11.53 -5.90
C TYR A 97 -16.94 10.51 -6.71
N ALA A 98 -17.11 9.21 -6.45
CA ALA A 98 -16.37 8.21 -7.18
C ALA A 98 -16.72 8.19 -8.66
N LYS A 99 -17.97 8.51 -9.03
CA LYS A 99 -18.37 8.39 -10.44
C LYS A 99 -17.56 9.33 -11.32
N GLN A 100 -17.43 10.59 -10.92
CA GLN A 100 -16.70 11.52 -11.78
C GLN A 100 -15.23 11.15 -11.89
N ARG A 101 -14.62 10.70 -10.79
CA ARG A 101 -13.20 10.37 -10.79
C ARG A 101 -12.93 9.14 -11.67
N LEU A 102 -13.84 8.16 -11.67
CA LEU A 102 -13.62 6.98 -12.51
C LEU A 102 -13.81 7.29 -13.99
N ASP A 103 -14.84 8.08 -14.33
CA ASP A 103 -15.01 8.52 -15.72
C ASP A 103 -13.74 9.17 -16.23
N LYS A 104 -13.19 10.08 -15.44
CA LYS A 104 -12.02 10.82 -15.87
C LYS A 104 -10.79 9.92 -15.96
N LEU A 105 -10.65 8.98 -15.03
CA LEU A 105 -9.55 8.02 -15.14
C LEU A 105 -9.64 7.17 -16.42
N GLU A 106 -10.84 6.72 -16.75
CA GLU A 106 -11.06 5.97 -17.98
C GLU A 106 -10.54 6.73 -19.17
N THR A 107 -10.92 8.01 -19.29
CA THR A 107 -10.44 8.83 -20.39
C THR A 107 -8.92 8.89 -20.40
N GLU A 108 -8.31 9.00 -19.23
CA GLU A 108 -6.86 9.15 -19.12
C GLU A 108 -6.13 7.88 -19.49
N VAL A 109 -6.67 6.73 -19.13
CA VAL A 109 -5.99 5.48 -19.43
C VAL A 109 -6.11 5.18 -20.93
N LYS A 110 -7.26 5.50 -21.55
CA LYS A 110 -7.38 5.45 -23.02
C LYS A 110 -6.25 6.24 -23.69
N THR A 111 -5.96 7.44 -23.19
CA THR A 111 -4.87 8.21 -23.74
C THR A 111 -3.55 7.47 -23.59
N LEU A 112 -3.28 6.88 -22.43
CA LEU A 112 -2.04 6.13 -22.28
C LEU A 112 -1.95 4.95 -23.25
N ILE A 113 -3.07 4.26 -23.49
CA ILE A 113 -2.95 3.13 -24.40
C ILE A 113 -2.60 3.62 -25.80
N SER A 114 -3.23 4.72 -26.22
CA SER A 114 -3.02 5.37 -27.53
C SER A 114 -1.55 5.75 -27.69
N GLU A 115 -0.90 6.14 -26.59
CA GLU A 115 0.53 6.54 -26.54
C GLU A 115 1.42 5.31 -26.74
N VAL A 116 1.19 4.24 -25.96
CA VAL A 116 2.01 3.00 -25.99
C VAL A 116 2.04 2.43 -27.41
N GLN A 117 0.92 2.37 -28.12
CA GLN A 117 0.79 1.90 -29.53
C GLN A 117 1.72 2.71 -30.44
N GLY A 118 1.73 4.04 -30.29
CA GLY A 118 2.58 4.96 -31.09
C GLY A 118 4.04 4.57 -31.04
N GLN A 119 4.54 4.21 -29.84
CA GLN A 119 5.95 3.80 -29.60
C GLN A 119 6.15 2.36 -30.10
N SER A 120 7.37 2.02 -30.53
CA SER A 120 7.74 0.68 -31.05
C SER A 120 8.67 -0.10 -30.10
N HIS A 121 9.46 0.55 -29.25
CA HIS A 121 10.40 -0.16 -28.38
C HIS A 121 9.97 -0.09 -26.91
N PRO A 122 10.30 -1.12 -26.13
CA PRO A 122 9.78 -1.16 -24.74
C PRO A 122 10.14 0.04 -23.89
N TYR A 123 11.42 0.43 -23.85
CA TYR A 123 11.82 1.50 -22.96
C TYR A 123 11.14 2.82 -23.31
N GLU A 124 11.03 3.13 -24.60
CA GLU A 124 10.41 4.40 -24.99
C GLU A 124 8.91 4.40 -24.72
N ALA A 125 8.27 3.23 -24.78
CA ALA A 125 6.85 3.16 -24.45
C ALA A 125 6.65 3.43 -22.97
N TYR A 126 7.45 2.80 -22.13
CA TYR A 126 7.41 3.11 -20.70
C TYR A 126 7.68 4.58 -20.45
N LYS A 127 8.71 5.12 -21.10
CA LYS A 127 9.07 6.50 -20.88
C LYS A 127 7.96 7.44 -21.34
N ALA A 128 7.18 7.04 -22.33
CA ALA A 128 6.16 7.96 -22.86
C ALA A 128 4.94 8.05 -21.95
N ILE A 129 4.63 6.94 -21.27
CA ILE A 129 3.38 6.73 -20.48
C ILE A 129 3.56 6.97 -18.97
N VAL A 130 4.74 6.78 -18.36
CA VAL A 130 4.89 7.04 -16.93
C VAL A 130 5.30 8.51 -16.81
N ARG A 131 4.32 9.40 -16.96
CA ARG A 131 4.53 10.83 -16.82
C ARG A 131 3.42 11.41 -15.95
N SER A 132 3.15 12.71 -16.13
CA SER A 132 2.34 13.44 -15.17
C SER A 132 1.04 12.73 -14.85
N LYS A 133 0.26 12.37 -15.87
CA LYS A 133 -1.08 11.89 -15.55
C LYS A 133 -1.04 10.48 -14.98
N PHE A 134 -0.12 9.63 -15.48
CA PHE A 134 0.07 8.30 -14.89
C PHE A 134 0.42 8.42 -13.41
N LEU A 135 1.28 9.39 -13.07
CA LEU A 135 1.79 9.49 -11.70
C LEU A 135 0.80 10.11 -10.73
N GLN A 136 -0.38 10.50 -11.19
CA GLN A 136 -1.44 10.89 -10.28
C GLN A 136 -2.55 9.83 -10.22
N MET A 137 -2.46 8.78 -11.04
CA MET A 137 -3.55 7.83 -11.11
C MET A 137 -3.72 7.05 -9.82
N LYS A 138 -2.63 6.53 -9.25
CA LYS A 138 -2.79 5.79 -8.00
C LYS A 138 -3.47 6.66 -6.95
N ASP A 139 -3.05 7.92 -6.85
CA ASP A 139 -3.67 8.80 -5.85
C ASP A 139 -5.13 8.97 -6.14
N SER A 140 -5.50 9.11 -7.42
CA SER A 140 -6.92 9.29 -7.73
C SER A 140 -7.71 8.03 -7.41
N LEU A 141 -7.14 6.86 -7.72
CA LEU A 141 -7.86 5.63 -7.41
C LEU A 141 -7.97 5.45 -5.90
N GLU A 142 -6.99 5.94 -5.15
CA GLU A 142 -7.07 5.81 -3.70
C GLU A 142 -8.13 6.72 -3.13
N VAL A 143 -8.34 7.89 -3.75
CA VAL A 143 -9.47 8.74 -3.40
C VAL A 143 -10.77 7.99 -3.63
N VAL A 144 -10.90 7.36 -4.80
CA VAL A 144 -12.08 6.53 -5.05
C VAL A 144 -12.23 5.45 -3.99
N LYS A 145 -11.16 4.71 -3.71
CA LYS A 145 -11.22 3.67 -2.70
C LYS A 145 -11.74 4.20 -1.38
N GLY A 146 -11.26 5.38 -0.96
CA GLY A 146 -11.72 5.94 0.30
C GLY A 146 -13.19 6.30 0.27
N VAL A 147 -13.71 6.69 -0.90
CA VAL A 147 -15.11 7.06 -1.01
C VAL A 147 -15.99 5.82 -0.94
N ILE A 148 -15.54 4.70 -1.54
CA ILE A 148 -16.42 3.55 -1.68
C ILE A 148 -16.21 2.51 -0.61
N ASP A 149 -15.14 2.59 0.19
CA ASP A 149 -14.84 1.57 1.19
C ASP A 149 -14.40 2.24 2.48
N ARG A 150 -15.38 2.53 3.35
CA ARG A 150 -15.16 3.26 4.60
C ARG A 150 -15.64 2.47 5.79
N ASP A 151 -14.91 2.61 6.91
CA ASP A 151 -15.28 1.95 8.15
C ASP A 151 -15.69 2.94 9.23
N GLY A 152 -16.01 4.15 8.82
CA GLY A 152 -16.40 5.16 9.74
C GLY A 152 -16.55 6.46 8.98
N PRO A 153 -16.67 7.55 9.72
CA PRO A 153 -16.90 8.85 9.06
C PRO A 153 -15.70 9.29 8.24
N TRP A 154 -15.99 10.25 7.37
CA TRP A 154 -15.01 11.01 6.63
C TRP A 154 -14.59 12.17 7.52
N TYR A 155 -13.37 12.09 8.04
CA TYR A 155 -12.94 13.06 9.00
C TYR A 155 -12.27 14.20 8.24
N ASP B 6 -26.10 -6.15 29.20
CA ASP B 6 -24.83 -5.48 29.59
C ASP B 6 -23.65 -6.40 29.26
N ASN B 7 -23.92 -7.70 29.12
CA ASN B 7 -22.88 -8.68 28.80
C ASN B 7 -22.41 -8.55 27.35
N ARG B 8 -23.25 -8.05 26.45
CA ARG B 8 -22.77 -7.87 25.10
C ARG B 8 -21.79 -6.71 25.02
N TYR B 9 -21.91 -5.73 25.92
CA TYR B 9 -20.92 -4.66 25.88
C TYR B 9 -19.59 -5.14 26.40
N LYS B 10 -19.61 -6.01 27.43
CA LYS B 10 -18.37 -6.60 27.94
C LYS B 10 -17.66 -7.40 26.85
N SER B 11 -18.39 -8.04 25.95
CA SER B 11 -17.71 -8.77 24.87
C SER B 11 -17.13 -7.80 23.82
N TYR B 12 -17.81 -6.68 23.55
CA TYR B 12 -17.20 -5.68 22.68
C TYR B 12 -15.90 -5.19 23.25
N LEU B 13 -15.90 -4.85 24.55
CA LEU B 13 -14.69 -4.38 25.19
C LEU B 13 -13.60 -5.45 25.14
N GLU B 14 -13.95 -6.70 25.45
CA GLU B 14 -12.86 -7.66 25.49
C GLU B 14 -12.35 -7.96 24.08
N GLY B 15 -13.21 -7.84 23.07
CA GLY B 15 -12.75 -8.07 21.70
C GLY B 15 -11.84 -6.96 21.20
N VAL B 16 -12.17 -5.71 21.52
CA VAL B 16 -11.30 -4.60 21.11
C VAL B 16 -10.01 -4.61 21.91
N ARG B 17 -10.06 -4.90 23.22
CA ARG B 17 -8.82 -5.01 23.97
C ARG B 17 -7.90 -6.03 23.34
N TYR B 18 -8.46 -7.20 23.01
CA TYR B 18 -7.66 -8.25 22.40
C TYR B 18 -7.02 -7.74 21.11
N ASN B 19 -7.83 -7.17 20.22
CA ASN B 19 -7.33 -6.80 18.90
C ASN B 19 -6.31 -5.67 18.99
N VAL B 20 -6.52 -4.73 19.92
CA VAL B 20 -5.60 -3.60 20.05
C VAL B 20 -4.24 -4.06 20.55
N SER B 21 -4.22 -4.90 21.60
CA SER B 21 -2.97 -5.53 22.00
C SER B 21 -2.36 -6.40 20.90
N ALA B 22 -3.17 -7.13 20.16
CA ALA B 22 -2.64 -7.91 19.04
C ALA B 22 -1.98 -7.01 18.01
N ALA B 23 -2.62 -5.87 17.69
CA ALA B 23 -2.02 -4.86 16.81
C ALA B 23 -0.69 -4.36 17.37
N ILE B 24 -0.61 -4.16 18.68
CA ILE B 24 0.64 -3.73 19.29
C ILE B 24 1.70 -4.82 19.11
N GLY B 25 1.28 -6.09 19.19
CA GLY B 25 2.22 -7.19 18.94
C GLY B 25 2.70 -7.21 17.50
N SER B 26 1.82 -6.87 16.56
CA SER B 26 2.22 -6.80 15.15
C SER B 26 3.23 -5.71 14.93
N ILE B 27 2.97 -4.52 15.48
CA ILE B 27 3.93 -3.41 15.38
C ILE B 27 5.27 -3.84 15.93
N ASP B 28 5.25 -4.46 17.11
CA ASP B 28 6.51 -4.93 17.72
C ASP B 28 7.28 -5.84 16.77
N LYS B 29 6.57 -6.80 16.17
CA LYS B 29 7.22 -7.73 15.26
C LYS B 29 7.87 -6.99 14.09
N ILE B 30 7.12 -6.05 13.50
CA ILE B 30 7.62 -5.28 12.35
C ILE B 30 8.83 -4.46 12.75
N TYR B 31 8.75 -3.85 13.91
CA TYR B 31 9.78 -2.96 14.44
C TYR B 31 11.06 -3.73 14.68
N ASN B 32 11.00 -4.89 15.30
CA ASN B 32 12.19 -5.70 15.51
C ASN B 32 12.83 -6.12 14.17
N ASN B 33 12.02 -6.54 13.20
CA ASN B 33 12.61 -6.87 11.89
C ASN B 33 13.21 -5.64 11.24
N TYR B 34 12.57 -4.49 11.42
CA TYR B 34 13.11 -3.23 10.83
C TYR B 34 14.50 -2.95 11.42
N LYS B 35 14.64 -3.14 12.73
CA LYS B 35 15.88 -2.95 13.52
C LYS B 35 17.00 -3.85 12.95
N LEU B 36 16.71 -5.15 12.80
CA LEU B 36 17.68 -6.12 12.31
C LEU B 36 18.07 -5.83 10.87
N PHE B 37 17.10 -5.45 10.04
CA PHE B 37 17.40 -5.11 8.65
C PHE B 37 18.34 -3.89 8.60
N GLU B 38 17.98 -2.83 9.32
CA GLU B 38 18.76 -1.58 9.29
C GLU B 38 20.21 -1.83 9.71
N GLU B 39 20.42 -2.53 10.83
CA GLU B 39 21.75 -2.99 11.22
C GLU B 39 22.55 -3.51 10.04
N GLN B 40 22.01 -4.49 9.31
CA GLN B 40 22.77 -5.11 8.22
C GLN B 40 22.98 -4.14 7.07
N ARG B 41 22.07 -3.18 6.90
CA ARG B 41 22.14 -2.14 5.85
C ARG B 41 23.36 -1.23 6.09
N THR B 42 23.60 -0.86 7.34
CA THR B 42 24.74 -0.01 7.80
C THR B 42 26.05 -0.77 7.68
N LYS B 43 26.05 -2.07 8.01
CA LYS B 43 27.24 -2.96 7.96
C LYS B 43 27.62 -3.24 6.51
N MET B 44 26.61 -3.28 5.64
CA MET B 44 26.73 -3.54 4.18
C MET B 44 27.73 -2.55 3.58
N TYR B 45 27.75 -1.32 4.08
CA TYR B 45 28.57 -0.25 3.49
C TYR B 45 29.49 0.40 4.51
N SER B 46 29.85 -0.26 5.62
CA SER B 46 30.72 0.31 6.67
C SER B 46 32.17 0.42 6.17
N THR B 47 32.88 1.52 6.46
CA THR B 47 34.29 1.71 6.07
C THR B 47 35.21 1.01 7.07
N ARG B 48 34.69 0.56 8.22
CA ARG B 48 35.51 -0.10 9.28
C ARG B 48 35.34 -1.63 9.26
N LEU B 49 34.81 -2.22 8.17
CA LEU B 49 34.65 -3.69 8.09
C LEU B 49 35.41 -4.16 6.86
N ASP B 50 35.81 -5.44 6.84
CA ASP B 50 36.45 -6.04 5.68
C ASP B 50 35.42 -6.38 4.62
N THR B 51 35.92 -6.76 3.44
CA THR B 51 35.07 -7.02 2.27
C THR B 51 34.21 -8.26 2.48
N VAL B 52 34.77 -9.31 3.09
CA VAL B 52 34.00 -10.54 3.26
C VAL B 52 32.82 -10.28 4.19
N THR B 53 33.09 -9.66 5.36
CA THR B 53 32.03 -9.36 6.31
C THR B 53 30.94 -8.50 5.68
N LYS B 54 31.37 -7.56 4.82
CA LYS B 54 30.49 -6.63 4.08
C LYS B 54 29.55 -7.44 3.18
N ASP B 55 30.06 -8.46 2.50
CA ASP B 55 29.25 -9.29 1.60
C ASP B 55 28.33 -10.22 2.37
N GLN B 56 28.75 -10.65 3.56
CA GLN B 56 27.87 -11.49 4.38
C GLN B 56 26.68 -10.67 4.89
N ALA B 57 26.92 -9.43 5.31
CA ALA B 57 25.82 -8.58 5.77
C ALA B 57 24.82 -8.32 4.64
N LYS B 58 25.29 -8.17 3.40
CA LYS B 58 24.36 -8.00 2.30
C LYS B 58 23.47 -9.25 2.15
N LYS B 59 24.09 -10.43 2.19
CA LYS B 59 23.36 -11.70 2.24
C LYS B 59 22.28 -11.68 3.33
N GLU B 60 22.63 -11.19 4.51
CA GLU B 60 21.69 -11.19 5.63
C GLU B 60 20.62 -10.14 5.43
N ALA B 61 21.02 -8.93 5.04
CA ALA B 61 20.05 -7.88 4.75
C ALA B 61 18.98 -8.38 3.78
N GLU B 62 19.38 -9.17 2.78
CA GLU B 62 18.42 -9.58 1.76
C GLU B 62 17.45 -10.66 2.23
N LYS B 63 17.55 -11.08 3.49
CA LYS B 63 16.57 -11.96 4.11
C LYS B 63 15.31 -11.24 4.59
N PHE B 64 15.34 -9.91 4.70
CA PHE B 64 14.19 -9.13 5.18
C PHE B 64 13.50 -8.60 3.93
N THR B 65 12.52 -9.35 3.43
CA THR B 65 11.94 -9.03 2.14
C THR B 65 10.79 -8.03 2.28
N LYS B 66 10.44 -7.42 1.16
CA LYS B 66 9.31 -6.48 1.17
C LYS B 66 7.98 -7.21 1.38
N GLU B 67 7.93 -8.46 0.92
CA GLU B 67 6.74 -9.34 1.03
C GLU B 67 6.43 -9.60 2.51
N GLU B 68 7.46 -9.79 3.36
CA GLU B 68 7.28 -10.07 4.77
C GLU B 68 6.73 -8.85 5.50
N LEU B 69 7.31 -7.68 5.22
CA LEU B 69 6.80 -6.44 5.76
C LEU B 69 5.36 -6.21 5.35
N GLU B 70 5.04 -6.45 4.08
CA GLU B 70 3.69 -6.21 3.61
C GLU B 70 2.70 -7.13 4.33
N LYS B 71 3.11 -8.38 4.53
CA LYS B 71 2.32 -9.43 5.22
C LYS B 71 2.02 -8.98 6.66
N ASP B 72 3.01 -8.44 7.36
CA ASP B 72 2.87 -8.04 8.75
C ASP B 72 2.01 -6.76 8.85
N LEU B 73 2.13 -5.84 7.90
CA LEU B 73 1.28 -4.64 7.94
C LEU B 73 -0.17 -4.99 7.66
N LYS B 74 -0.42 -5.98 6.82
CA LYS B 74 -1.80 -6.42 6.60
C LYS B 74 -2.39 -7.05 7.85
N GLU B 75 -1.61 -7.86 8.55
CA GLU B 75 -2.09 -8.40 9.82
C GLU B 75 -2.43 -7.28 10.78
N LEU B 76 -1.56 -6.27 10.87
CA LEU B 76 -1.85 -5.11 11.72
C LEU B 76 -3.12 -4.42 11.28
N LEU B 77 -3.28 -4.19 9.98
CA LEU B 77 -4.50 -3.53 9.52
C LEU B 77 -5.73 -4.33 9.92
N ASN B 78 -5.67 -5.62 9.77
CA ASN B 78 -6.83 -6.43 10.03
C ASN B 78 -7.25 -6.34 11.50
N TYR B 79 -6.30 -6.36 12.43
CA TYR B 79 -6.69 -6.18 13.86
C TYR B 79 -7.31 -4.80 14.10
N ILE B 80 -6.72 -3.76 13.50
CA ILE B 80 -7.22 -2.41 13.72
C ILE B 80 -8.57 -2.23 13.09
N GLN B 81 -8.80 -2.75 11.86
CA GLN B 81 -10.11 -2.45 11.27
C GLN B 81 -11.22 -3.20 11.97
N VAL B 82 -10.94 -4.39 12.48
CA VAL B 82 -11.97 -5.09 13.23
C VAL B 82 -12.20 -4.35 14.56
N SER B 83 -11.15 -3.76 15.12
CA SER B 83 -11.27 -2.95 16.35
C SER B 83 -12.16 -1.74 16.09
N ALA B 84 -11.87 -1.01 14.99
CA ALA B 84 -12.60 0.22 14.68
C ALA B 84 -14.06 -0.08 14.45
N LYS B 85 -14.35 -1.21 13.79
CA LYS B 85 -15.72 -1.67 13.48
C LYS B 85 -16.49 -1.90 14.77
N THR B 86 -15.89 -2.63 15.72
CA THR B 86 -16.51 -2.97 17.00
C THR B 86 -16.62 -1.73 17.87
N ALA B 87 -15.64 -0.82 17.79
CA ALA B 87 -15.62 0.40 18.58
C ALA B 87 -16.72 1.41 18.24
N THR B 88 -17.44 1.21 17.14
CA THR B 88 -18.68 1.96 16.92
C THR B 88 -19.57 1.89 18.15
N ASN B 89 -19.50 0.75 18.85
CA ASN B 89 -20.30 0.46 20.07
C ASN B 89 -19.89 1.39 21.22
N PHE B 90 -18.71 2.04 21.15
CA PHE B 90 -18.23 2.88 22.23
C PHE B 90 -18.67 4.31 22.05
N VAL B 91 -19.20 4.68 20.86
CA VAL B 91 -19.82 5.98 20.69
C VAL B 91 -20.88 6.18 21.76
N TYR B 92 -20.85 7.36 22.37
CA TYR B 92 -21.78 7.73 23.43
C TYR B 92 -21.47 7.02 24.73
N GLN B 93 -20.40 6.25 24.81
CA GLN B 93 -19.97 5.53 26.02
C GLN B 93 -18.65 6.15 26.51
N LYS B 94 -18.22 5.76 27.69
CA LYS B 94 -17.03 6.34 28.28
C LYS B 94 -15.78 6.08 27.45
N GLU B 95 -15.77 5.00 26.66
CA GLU B 95 -14.64 4.66 25.82
C GLU B 95 -14.69 5.28 24.43
N GLN B 96 -15.53 6.32 24.21
CA GLN B 96 -15.80 6.86 22.88
C GLN B 96 -14.56 7.26 22.10
N TYR B 97 -13.59 7.88 22.77
CA TYR B 97 -12.33 8.38 22.14
C TYR B 97 -11.66 7.26 21.32
N ALA B 98 -11.85 6.00 21.70
CA ALA B 98 -11.21 4.89 20.98
C ALA B 98 -11.68 4.79 19.54
N LYS B 99 -12.97 5.06 19.29
CA LYS B 99 -13.50 4.93 17.93
C LYS B 99 -12.78 5.85 16.96
N GLN B 100 -12.56 7.09 17.41
CA GLN B 100 -11.88 8.18 16.65
C GLN B 100 -10.45 7.74 16.30
N ARG B 101 -9.67 7.38 17.33
CA ARG B 101 -8.24 6.96 17.20
C ARG B 101 -8.13 5.73 16.31
N LEU B 102 -8.99 4.73 16.50
CA LEU B 102 -8.99 3.46 15.73
C LEU B 102 -9.24 3.79 14.26
N ASP B 103 -10.27 4.60 13.95
CA ASP B 103 -10.54 4.96 12.54
C ASP B 103 -9.33 5.64 11.89
N LYS B 104 -8.72 6.57 12.60
CA LYS B 104 -7.57 7.28 12.04
C LYS B 104 -6.39 6.35 11.89
N LEU B 105 -6.21 5.42 12.83
CA LEU B 105 -5.12 4.45 12.71
C LEU B 105 -5.35 3.54 11.53
N GLU B 106 -6.59 3.14 11.30
CA GLU B 106 -6.92 2.31 10.15
C GLU B 106 -6.49 3.02 8.88
N THR B 107 -6.85 4.31 8.78
CA THR B 107 -6.48 5.10 7.61
C THR B 107 -4.97 5.16 7.46
N GLU B 108 -4.26 5.32 8.58
CA GLU B 108 -2.80 5.41 8.55
C GLU B 108 -2.13 4.11 8.11
N VAL B 109 -2.64 2.96 8.57
CA VAL B 109 -1.99 1.72 8.18
C VAL B 109 -2.25 1.40 6.71
N LYS B 110 -3.46 1.74 6.22
CA LYS B 110 -3.69 1.63 4.79
C LYS B 110 -2.67 2.45 4.03
N THR B 111 -2.35 3.64 4.51
CA THR B 111 -1.36 4.46 3.82
C THR B 111 0.00 3.76 3.79
N LEU B 112 0.39 3.14 4.90
CA LEU B 112 1.67 2.44 4.94
C LEU B 112 1.70 1.25 3.98
N ILE B 113 0.61 0.49 3.87
CA ILE B 113 0.65 -0.64 2.96
C ILE B 113 0.74 -0.14 1.51
N SER B 114 -0.02 0.89 1.19
CA SER B 114 0.08 1.51 -0.14
C SER B 114 1.51 1.97 -0.46
N GLU B 115 2.16 2.65 0.48
CA GLU B 115 3.54 3.05 0.29
C GLU B 115 4.46 1.85 0.03
N VAL B 116 4.31 0.79 0.83
CA VAL B 116 5.19 -0.39 0.66
C VAL B 116 4.96 -1.02 -0.72
N GLN B 117 3.67 -1.17 -1.12
CA GLN B 117 3.33 -1.72 -2.42
C GLN B 117 3.84 -0.87 -3.57
N GLY B 118 4.02 0.43 -3.35
CA GLY B 118 4.53 1.35 -4.35
C GLY B 118 6.05 1.44 -4.44
N GLN B 119 6.80 0.80 -3.56
CA GLN B 119 8.27 0.84 -3.62
C GLN B 119 8.81 -0.47 -4.19
N SER B 120 10.06 -0.43 -4.65
CA SER B 120 10.64 -1.58 -5.36
C SER B 120 11.41 -2.54 -4.46
N HIS B 121 12.01 -2.04 -3.37
CA HIS B 121 12.98 -2.79 -2.57
C HIS B 121 12.68 -2.55 -1.09
N PRO B 122 13.12 -3.50 -0.23
CA PRO B 122 12.88 -3.31 1.23
C PRO B 122 13.45 -2.03 1.82
N TYR B 123 14.69 -1.68 1.48
CA TYR B 123 15.28 -0.48 2.08
C TYR B 123 14.37 0.72 1.85
N GLU B 124 13.96 0.95 0.60
CA GLU B 124 13.08 2.07 0.27
C GLU B 124 11.70 1.94 0.91
N ALA B 125 11.19 0.73 1.07
CA ALA B 125 9.88 0.58 1.70
C ALA B 125 9.95 0.92 3.18
N TYR B 126 10.96 0.43 3.86
CA TYR B 126 11.15 0.83 5.28
C TYR B 126 11.34 2.35 5.39
N LYS B 127 12.09 2.95 4.45
CA LYS B 127 12.36 4.41 4.46
C LYS B 127 11.04 5.19 4.34
N ALA B 128 10.09 4.68 3.55
CA ALA B 128 8.77 5.28 3.26
C ALA B 128 7.88 5.22 4.52
N ILE B 129 7.70 4.05 5.10
CA ILE B 129 6.80 3.93 6.28
C ILE B 129 7.38 4.72 7.46
N VAL B 130 8.69 4.78 7.63
CA VAL B 130 9.30 5.56 8.74
C VAL B 130 9.03 7.04 8.46
N ARG B 131 9.09 7.44 7.19
CA ARG B 131 8.76 8.85 6.83
C ARG B 131 7.32 9.15 7.26
N SER B 132 6.41 8.19 7.05
CA SER B 132 4.99 8.31 7.40
C SER B 132 4.69 8.07 8.89
N LYS B 133 5.68 8.27 9.76
CA LYS B 133 5.57 8.18 11.24
C LYS B 133 5.19 6.77 11.74
N PHE B 134 5.42 5.69 10.99
CA PHE B 134 5.23 4.35 11.54
C PHE B 134 5.77 4.15 12.97
N LEU B 135 6.95 4.71 13.26
CA LEU B 135 7.59 4.57 14.58
C LEU B 135 6.80 5.20 15.73
N GLN B 136 5.81 6.04 15.44
CA GLN B 136 4.94 6.63 16.43
C GLN B 136 3.60 5.89 16.59
N MET B 137 3.33 4.89 15.74
CA MET B 137 2.05 4.15 15.72
C MET B 137 1.85 3.35 17.01
N LYS B 138 2.93 2.86 17.63
CA LYS B 138 2.87 2.06 18.88
C LYS B 138 2.29 2.94 20.00
N ASP B 139 2.78 4.15 20.15
CA ASP B 139 2.33 5.12 21.19
C ASP B 139 0.82 5.39 21.00
N SER B 140 0.37 5.60 19.78
CA SER B 140 -1.06 5.86 19.49
C SER B 140 -1.91 4.67 19.92
N LEU B 141 -1.52 3.45 19.64
CA LEU B 141 -2.29 2.26 20.04
C LEU B 141 -2.27 2.15 21.56
N GLU B 142 -1.14 2.48 22.17
CA GLU B 142 -1.05 2.44 23.64
C GLU B 142 -2.05 3.43 24.20
N VAL B 143 -2.29 4.54 23.49
CA VAL B 143 -3.28 5.54 24.01
C VAL B 143 -4.64 4.86 24.07
N VAL B 144 -5.03 4.19 22.98
CA VAL B 144 -6.30 3.46 22.88
C VAL B 144 -6.40 2.42 23.98
N LYS B 145 -5.33 1.65 24.16
CA LYS B 145 -5.32 0.60 25.18
C LYS B 145 -5.67 1.17 26.55
N GLY B 146 -5.09 2.31 26.89
CA GLY B 146 -5.42 2.96 28.15
C GLY B 146 -6.88 3.37 28.30
N VAL B 147 -7.50 3.83 27.21
CA VAL B 147 -8.89 4.28 27.31
C VAL B 147 -9.83 3.10 27.52
N ILE B 148 -9.57 1.97 26.84
CA ILE B 148 -10.55 0.89 26.86
C ILE B 148 -10.33 -0.10 28.00
N ASP B 149 -9.17 -0.10 28.62
CA ASP B 149 -8.91 -1.09 29.65
C ASP B 149 -8.49 -0.40 30.93
N ARG B 150 -9.22 0.64 31.29
CA ARG B 150 -9.05 1.32 32.56
C ARG B 150 -9.93 0.69 33.62
N ASP B 151 -9.43 0.62 34.85
CA ASP B 151 -10.22 0.18 35.99
C ASP B 151 -10.44 1.36 36.93
N GLY B 152 -11.66 1.45 37.45
CA GLY B 152 -12.07 2.51 38.36
C GLY B 152 -12.20 3.86 37.71
N PRO B 153 -12.41 4.88 38.53
CA PRO B 153 -12.55 6.25 38.00
C PRO B 153 -11.26 6.74 37.36
N TRP B 154 -11.45 7.73 36.50
CA TRP B 154 -10.40 8.52 35.93
C TRP B 154 -10.13 9.66 36.89
N TYR B 155 -8.97 9.63 37.52
CA TYR B 155 -8.69 10.55 38.64
C TYR B 155 -8.06 11.86 38.19
#